data_3S30
#
_entry.id   3S30
#
_cell.length_a   146.745
_cell.length_b   146.745
_cell.length_c   91.510
_cell.angle_alpha   90.000
_cell.angle_beta   90.000
_cell.angle_gamma   120.000
#
_symmetry.space_group_name_H-M   'P 65'
#
loop_
_entity.id
_entity.type
_entity.pdbx_description
1 polymer 'Hypothetical glycoside hydrolase'
2 non-polymer 'SODIUM ION'
3 water water
#
_entity_poly.entity_id   1
_entity_poly.type   'polypeptide(L)'
_entity_poly.pdbx_seq_one_letter_code
;GADILNCILPAE(MSE)LTGTDIDYNRPYDKSLNAYPIYIEVNNGTDLTRLAPTFELTEGASIEPANGSTQNFTNPVRYT
VTSEDKNWHRTYAINIHYPETKSIPTVFNFENVKTVPYNKNEYYVLYEAASGYSTLTWSSGNQGFALTGSGYTPNDFPTS
ISPNGRTGNCLQLITRKTGSLGTLVG(MSE)PIAAGNLFIGSFDIGSA(MSE)SDALSATKFGTTFYYEPIKLVGYYKYK
AGPEFYENGESTNRKDVFNIYALFYEKTKDVQ(MSE)LDGHIAKNNYEHEN(MSE)VAAAVITDTHETSEWTRFELDFNY
EHYGKTIDPQKLANGGYNVSIVLSASKDGDVFQGAPGSTLLIDDLELVCKQPLR
;
_entity_poly.pdbx_strand_id   A,B
#
loop_
_chem_comp.id
_chem_comp.type
_chem_comp.name
_chem_comp.formula
NA non-polymer 'SODIUM ION' 'Na 1'
#
# COMPACT_ATOMS: atom_id res chain seq x y z
N THR A 97 19.49 -8.24 25.31
CA THR A 97 19.25 -7.43 24.07
C THR A 97 17.80 -7.52 23.62
N LYS A 98 17.03 -6.46 23.87
CA LYS A 98 15.67 -6.35 23.34
C LYS A 98 15.65 -5.36 22.17
N SER A 99 14.91 -5.73 21.12
CA SER A 99 14.72 -4.86 19.97
C SER A 99 13.67 -3.81 20.29
N ILE A 100 13.83 -2.62 19.72
CA ILE A 100 12.72 -1.67 19.63
C ILE A 100 11.62 -2.27 18.73
N PRO A 101 10.38 -1.76 18.81
CA PRO A 101 9.38 -2.20 17.86
C PRO A 101 9.73 -1.78 16.44
N THR A 102 9.18 -2.50 15.47
CA THR A 102 9.39 -2.19 14.05
C THR A 102 8.13 -1.67 13.37
N VAL A 103 7.02 -1.65 14.11
CA VAL A 103 5.74 -1.13 13.64
C VAL A 103 5.42 0.10 14.48
N PHE A 104 5.09 1.21 13.82
CA PHE A 104 4.89 2.49 14.51
C PHE A 104 3.48 3.02 14.20
N ASN A 105 2.72 3.25 15.28
CA ASN A 105 1.31 3.59 15.18
C ASN A 105 0.98 5.04 15.51
N PHE A 106 1.88 5.73 16.21
CA PHE A 106 1.67 7.13 16.58
C PHE A 106 0.41 7.35 17.45
N GLU A 107 0.11 6.39 18.32
CA GLU A 107 -1.09 6.45 19.19
C GLU A 107 -0.84 7.17 20.50
N ASN A 108 0.40 7.10 20.96
CA ASN A 108 0.75 7.36 22.33
C ASN A 108 1.60 8.61 22.45
N VAL A 109 1.26 9.45 23.42
CA VAL A 109 2.06 10.62 23.77
C VAL A 109 2.09 10.78 25.26
N LYS A 110 3.17 11.39 25.74
CA LYS A 110 3.24 11.95 27.08
C LYS A 110 3.49 13.44 26.96
N THR A 111 3.06 14.21 27.96
CA THR A 111 3.17 15.67 27.95
C THR A 111 4.32 16.11 28.84
N VAL A 112 5.17 16.97 28.30
CA VAL A 112 6.43 17.37 28.91
C VAL A 112 6.51 18.90 28.99
N PRO A 113 6.88 19.45 30.17
CA PRO A 113 7.00 20.89 30.33
C PRO A 113 8.39 21.42 29.96
N TYR A 114 8.44 22.63 29.42
CA TYR A 114 9.70 23.35 29.27
C TYR A 114 9.45 24.83 28.97
N ASN A 115 10.22 25.70 29.61
CA ASN A 115 10.16 27.13 29.38
C ASN A 115 8.73 27.66 29.38
N LYS A 116 7.95 27.20 30.35
CA LYS A 116 6.55 27.59 30.53
C LYS A 116 5.65 27.14 29.36
N ASN A 117 6.12 26.15 28.62
CA ASN A 117 5.35 25.48 27.58
C ASN A 117 5.18 24.00 27.95
N GLU A 118 4.24 23.35 27.27
CA GLU A 118 4.08 21.89 27.34
C GLU A 118 3.96 21.31 25.92
N TYR A 119 4.62 20.18 25.66
CA TYR A 119 4.58 19.53 24.34
C TYR A 119 4.51 18.00 24.45
N TYR A 120 4.25 17.33 23.32
CA TYR A 120 4.20 15.85 23.30
C TYR A 120 5.53 15.18 22.93
N VAL A 121 5.83 14.08 23.62
CA VAL A 121 6.87 13.14 23.21
C VAL A 121 6.13 11.86 22.85
N LEU A 122 6.31 11.38 21.62
CA LEU A 122 5.61 10.20 21.16
C LEU A 122 6.47 8.98 21.50
N TYR A 123 5.81 7.89 21.87
CA TYR A 123 6.50 6.64 22.11
C TYR A 123 5.72 5.43 21.59
N GLU A 124 6.44 4.32 21.39
CA GLU A 124 5.85 3.06 20.93
C GLU A 124 6.32 1.94 21.84
N ALA A 125 5.38 1.28 22.51
CA ALA A 125 5.68 0.15 23.41
C ALA A 125 4.96 -1.10 22.91
N ALA A 126 5.68 -2.22 22.85
CA ALA A 126 5.07 -3.52 22.56
C ALA A 126 5.63 -4.59 23.47
N SER A 127 4.82 -5.62 23.74
CA SER A 127 5.19 -6.71 24.65
C SER A 127 6.41 -7.45 24.11
N GLY A 128 7.46 -7.51 24.92
CA GLY A 128 8.70 -8.19 24.56
C GLY A 128 9.65 -7.34 23.76
N TYR A 129 9.40 -6.03 23.74
CA TYR A 129 10.21 -5.06 23.02
C TYR A 129 10.59 -3.92 23.96
N SER A 130 11.72 -3.27 23.70
CA SER A 130 12.09 -2.06 24.44
C SER A 130 11.33 -0.87 23.85
N THR A 131 10.77 -0.04 24.72
CA THR A 131 9.97 1.08 24.27
C THR A 131 10.82 2.08 23.49
N LEU A 132 10.35 2.39 22.28
CA LEU A 132 10.90 3.47 21.49
C LEU A 132 10.28 4.78 21.95
N THR A 133 11.11 5.70 22.42
CA THR A 133 10.68 7.07 22.67
C THR A 133 11.24 7.93 21.53
N TRP A 134 10.35 8.39 20.64
CA TRP A 134 10.72 9.27 19.55
C TRP A 134 11.26 10.62 20.06
N SER A 135 12.10 11.24 19.26
CA SER A 135 12.53 12.60 19.45
C SER A 135 12.00 13.50 18.30
N SER A 136 12.19 14.80 18.48
CA SER A 136 11.76 15.83 17.56
C SER A 136 12.43 17.13 18.01
N GLY A 137 12.19 18.23 17.30
CA GLY A 137 12.74 19.51 17.70
C GLY A 137 11.83 20.31 18.62
N ASN A 138 10.90 19.64 19.31
CA ASN A 138 9.88 20.33 20.10
C ASN A 138 10.48 21.11 21.25
N GLN A 139 11.52 20.58 21.89
CA GLN A 139 12.19 21.29 22.98
C GLN A 139 12.86 22.57 22.46
N GLY A 140 13.38 22.52 21.23
CA GLY A 140 13.96 23.69 20.59
C GLY A 140 12.91 24.77 20.38
N PHE A 141 11.71 24.35 20.01
CA PHE A 141 10.61 25.27 19.76
C PHE A 141 10.14 25.92 21.08
N ALA A 142 10.20 25.15 22.15
CA ALA A 142 9.92 25.63 23.50
C ALA A 142 10.77 26.84 23.95
N LEU A 143 11.98 26.98 23.40
CA LEU A 143 12.85 28.15 23.69
C LEU A 143 12.38 29.46 23.06
N THR A 144 11.63 29.38 21.96
CA THR A 144 11.29 30.56 21.15
C THR A 144 10.08 31.34 21.66
N GLY A 145 9.36 30.80 22.63
CA GLY A 145 8.20 31.47 23.18
C GLY A 145 7.65 30.81 24.43
N SER A 146 6.64 31.42 25.03
CA SER A 146 5.92 30.85 26.17
C SER A 146 4.42 30.76 25.89
N GLY A 147 3.71 29.96 26.69
CA GLY A 147 2.28 29.75 26.53
C GLY A 147 1.86 28.85 25.36
N TYR A 148 2.77 28.03 24.87
CA TYR A 148 2.41 27.03 23.84
C TYR A 148 1.79 25.81 24.50
N THR A 149 0.76 25.26 23.88
CA THR A 149 0.19 23.98 24.30
C THR A 149 0.65 22.93 23.29
N PRO A 150 0.52 21.63 23.63
CA PRO A 150 1.02 20.57 22.73
C PRO A 150 0.64 20.69 21.25
N ASN A 151 -0.57 21.12 20.96
CA ASN A 151 -1.02 21.24 19.58
C ASN A 151 -0.53 22.50 18.83
N ASP A 152 0.16 23.39 19.54
CA ASP A 152 0.87 24.49 18.89
C ASP A 152 2.23 24.06 18.37
N PHE A 153 2.76 22.93 18.84
CA PHE A 153 4.13 22.53 18.47
C PHE A 153 4.29 22.01 17.04
N PRO A 154 5.53 22.02 16.52
CA PRO A 154 5.73 21.50 15.17
C PRO A 154 5.42 20.01 15.06
N THR A 155 5.61 19.30 16.16
CA THR A 155 5.42 17.86 16.22
C THR A 155 4.38 17.49 17.28
N SER A 156 3.33 16.81 16.82
CA SER A 156 2.21 16.39 17.65
C SER A 156 1.57 15.18 17.00
N ILE A 157 0.36 14.83 17.47
CA ILE A 157 -0.46 13.78 16.85
C ILE A 157 -1.85 14.33 16.54
N SER A 158 -2.51 13.68 15.60
CA SER A 158 -3.89 14.02 15.22
C SER A 158 -4.76 12.81 15.44
N PRO A 159 -6.03 13.02 15.84
CA PRO A 159 -6.99 11.91 15.90
C PRO A 159 -7.52 11.43 14.53
N ASN A 160 -7.16 12.13 13.46
CA ASN A 160 -7.69 11.84 12.12
C ASN A 160 -6.76 10.95 11.29
N GLY A 161 -6.29 9.88 11.93
CA GLY A 161 -5.34 8.97 11.32
C GLY A 161 -6.05 7.95 10.47
N ARG A 162 -5.29 7.09 9.82
CA ARG A 162 -5.83 6.06 8.95
C ARG A 162 -6.45 4.93 9.75
N THR A 163 -5.82 4.58 10.86
CA THR A 163 -6.32 3.50 11.74
C THR A 163 -6.90 4.06 13.06
N GLY A 164 -6.12 4.93 13.73
CA GLY A 164 -6.56 5.67 14.93
C GLY A 164 -6.02 7.09 14.92
N ASN A 165 -5.13 7.43 15.86
CA ASN A 165 -4.37 8.68 15.78
C ASN A 165 -3.22 8.54 14.79
N CYS A 166 -2.72 9.66 14.30
CA CYS A 166 -1.55 9.67 13.39
C CYS A 166 -0.54 10.74 13.79
N LEU A 167 0.65 10.66 13.22
CA LEU A 167 1.63 11.73 13.33
C LEU A 167 1.15 12.99 12.60
N GLN A 168 1.35 14.15 13.24
CA GLN A 168 1.04 15.45 12.66
C GLN A 168 2.29 16.32 12.74
N LEU A 169 2.94 16.51 11.59
CA LEU A 169 4.07 17.39 11.52
C LEU A 169 3.62 18.69 10.83
N ILE A 170 3.71 19.80 11.55
CA ILE A 170 3.38 21.11 11.00
C ILE A 170 4.56 22.07 11.22
N THR A 171 5.25 22.44 10.13
CA THR A 171 6.26 23.48 10.15
C THR A 171 5.69 24.78 10.75
N ARG A 172 6.38 25.35 11.71
CA ARG A 172 5.87 26.50 12.47
C ARG A 172 6.76 27.72 12.30
N LYS A 173 6.11 28.88 12.29
CA LYS A 173 6.80 30.14 12.52
C LYS A 173 7.16 30.18 14.00
N THR A 174 8.39 30.59 14.31
CA THR A 174 8.82 30.72 15.70
C THR A 174 8.30 32.00 16.35
N GLY A 175 8.35 32.02 17.68
CA GLY A 175 7.98 33.18 18.47
C GLY A 175 9.07 34.23 18.41
N SER A 176 8.71 35.47 18.73
CA SER A 176 9.59 36.65 18.65
C SER A 176 11.08 36.36 18.65
N LEU A 177 11.53 35.59 19.64
CA LEU A 177 12.95 35.36 19.84
C LEU A 177 13.59 34.54 18.73
N GLY A 178 12.85 33.59 18.18
CA GLY A 178 13.36 32.69 17.13
C GLY A 178 14.03 33.40 15.97
N THR A 179 13.35 34.39 15.39
CA THR A 179 13.90 35.18 14.29
C THR A 179 15.23 35.81 14.67
N LEU A 180 15.25 36.49 15.81
CA LEU A 180 16.42 37.24 16.26
C LEU A 180 17.64 36.36 16.50
N VAL A 181 17.43 35.08 16.81
CA VAL A 181 18.54 34.12 16.91
C VAL A 181 18.71 33.27 15.63
N GLY A 182 18.13 33.73 14.52
CA GLY A 182 18.26 33.05 13.25
C GLY A 182 17.49 31.75 13.14
N MSE A 183 16.44 31.61 13.95
CA MSE A 183 15.56 30.45 13.93
C MSE A 183 14.14 30.88 13.51
O MSE A 183 13.19 30.74 14.30
CB MSE A 183 15.50 29.80 15.32
CG MSE A 183 16.77 29.86 16.16
SE MSE A 183 17.53 28.13 16.57
CE MSE A 183 18.95 28.06 15.25
N PRO A 184 13.98 31.42 12.28
CA PRO A 184 12.67 31.97 11.90
C PRO A 184 11.55 30.92 11.80
N ILE A 185 11.88 29.69 11.45
CA ILE A 185 10.88 28.62 11.44
C ILE A 185 11.39 27.41 12.21
N ALA A 186 10.51 26.44 12.42
CA ALA A 186 10.90 25.15 12.98
C ALA A 186 10.13 24.03 12.27
N ALA A 187 10.87 23.17 11.59
CA ALA A 187 10.27 22.08 10.80
C ALA A 187 9.53 21.10 11.69
N GLY A 188 8.36 20.66 11.22
CA GLY A 188 7.62 19.57 11.84
C GLY A 188 8.41 18.31 11.55
N ASN A 189 9.03 17.73 12.58
CA ASN A 189 9.85 16.56 12.41
C ASN A 189 9.67 15.49 13.48
N LEU A 190 10.17 14.30 13.17
CA LEU A 190 10.20 13.22 14.12
C LEU A 190 11.37 12.37 13.72
N PHE A 191 12.13 11.89 14.69
CA PHE A 191 13.20 10.98 14.37
C PHE A 191 13.58 10.06 15.53
N ILE A 192 14.27 8.98 15.17
CA ILE A 192 14.86 8.08 16.16
C ILE A 192 16.27 8.60 16.53
N GLY A 193 16.48 8.83 17.82
CA GLY A 193 17.74 9.33 18.34
C GLY A 193 17.47 10.28 19.50
N SER A 194 18.03 11.49 19.43
CA SER A 194 17.81 12.48 20.49
C SER A 194 18.06 13.92 20.04
N PHE A 195 17.50 14.86 20.81
CA PHE A 195 17.61 16.29 20.54
C PHE A 195 18.43 16.98 21.63
N ASP A 196 19.59 17.48 21.23
CA ASP A 196 20.49 18.20 22.12
C ASP A 196 20.11 19.69 22.20
N ILE A 197 19.43 20.09 23.29
CA ILE A 197 18.95 21.46 23.47
C ILE A 197 20.10 22.48 23.60
N GLY A 198 21.27 22.03 24.07
CA GLY A 198 22.46 22.88 24.05
C GLY A 198 22.88 23.37 22.66
N SER A 199 22.44 22.66 21.61
CA SER A 199 22.73 23.05 20.22
C SER A 199 21.55 23.65 19.42
N ALA A 200 20.34 23.66 19.97
CA ALA A 200 19.16 24.08 19.20
C ALA A 200 19.26 25.47 18.56
N MSE A 201 19.97 26.39 19.21
CA MSE A 201 20.08 27.77 18.74
C MSE A 201 21.33 28.09 17.94
O MSE A 201 21.30 28.97 17.09
CB MSE A 201 20.01 28.73 19.92
CG MSE A 201 18.65 28.80 20.54
SE MSE A 201 18.61 30.23 21.86
CE MSE A 201 16.68 30.43 21.88
N SER A 202 22.43 27.41 18.22
CA SER A 202 23.71 27.70 17.57
C SER A 202 23.96 26.82 16.33
N ASP A 203 23.44 25.59 16.37
CA ASP A 203 23.74 24.60 15.32
C ASP A 203 22.61 23.57 15.14
N ALA A 204 21.49 24.01 14.56
CA ALA A 204 20.31 23.16 14.35
C ALA A 204 20.61 21.76 13.79
N LEU A 205 21.46 21.70 12.78
CA LEU A 205 21.87 20.42 12.18
C LEU A 205 22.52 19.47 13.21
N SER A 206 23.36 20.01 14.09
CA SER A 206 24.00 19.20 15.15
C SER A 206 23.02 18.75 16.24
N ALA A 207 21.96 19.54 16.45
CA ALA A 207 21.02 19.32 17.55
C ALA A 207 20.22 18.03 17.38
N THR A 208 19.86 17.71 16.13
CA THR A 208 19.08 16.51 15.81
C THR A 208 20.02 15.35 15.64
N LYS A 209 20.07 14.44 16.60
CA LYS A 209 20.97 13.31 16.54
C LYS A 209 20.21 12.04 16.21
N PHE A 210 20.74 11.30 15.24
CA PHE A 210 20.01 10.19 14.62
C PHE A 210 20.64 8.85 14.97
N GLY A 211 19.84 7.96 15.52
CA GLY A 211 20.25 6.58 15.70
C GLY A 211 19.77 5.96 17.00
N THR A 212 19.48 4.66 16.91
CA THR A 212 19.32 3.84 18.11
C THR A 212 19.78 2.43 17.76
N THR A 213 20.25 1.71 18.77
CA THR A 213 20.83 0.39 18.57
C THR A 213 19.79 -0.56 17.94
N PHE A 214 20.20 -1.24 16.88
CA PHE A 214 19.32 -2.07 16.08
C PHE A 214 20.03 -3.36 15.70
N TYR A 215 19.37 -4.50 15.95
CA TYR A 215 19.97 -5.84 15.76
C TYR A 215 19.61 -6.49 14.43
N TYR A 216 18.77 -5.84 13.63
CA TYR A 216 18.36 -6.41 12.35
C TYR A 216 18.91 -5.62 11.17
N GLU A 217 18.79 -6.22 10.00
CA GLU A 217 19.15 -5.56 8.75
C GLU A 217 17.84 -5.13 8.07
N PRO A 218 17.55 -3.82 8.08
CA PRO A 218 16.30 -3.34 7.48
C PRO A 218 16.35 -3.37 5.97
N ILE A 219 15.24 -3.68 5.32
CA ILE A 219 15.20 -3.69 3.86
C ILE A 219 14.27 -2.62 3.31
N LYS A 220 13.15 -2.34 3.97
CA LYS A 220 12.29 -1.26 3.50
C LYS A 220 11.52 -0.53 4.59
N LEU A 221 11.23 0.74 4.31
CA LEU A 221 10.44 1.58 5.17
C LEU A 221 9.12 1.82 4.46
N VAL A 222 8.02 1.34 5.05
CA VAL A 222 6.72 1.48 4.44
C VAL A 222 5.83 2.26 5.41
N GLY A 223 4.90 3.02 4.84
CA GLY A 223 3.93 3.78 5.63
C GLY A 223 2.99 4.53 4.71
N TYR A 224 2.19 5.42 5.29
CA TYR A 224 1.20 6.20 4.55
C TYR A 224 1.36 7.67 4.93
N TYR A 225 1.16 8.56 3.95
CA TYR A 225 1.22 10.00 4.22
C TYR A 225 0.09 10.81 3.55
N LYS A 226 -0.08 12.03 4.06
CA LYS A 226 -0.80 13.11 3.40
C LYS A 226 0.11 14.33 3.54
N TYR A 227 0.10 15.21 2.54
CA TYR A 227 0.94 16.40 2.56
C TYR A 227 0.29 17.55 1.86
N LYS A 228 0.40 18.71 2.49
CA LYS A 228 -0.06 19.97 1.94
C LYS A 228 1.02 21.01 2.32
N ALA A 229 1.63 21.62 1.29
CA ALA A 229 2.56 22.72 1.49
C ALA A 229 1.84 23.95 2.07
N GLY A 230 2.56 24.73 2.90
CA GLY A 230 2.05 26.01 3.38
C GLY A 230 2.06 27.09 2.29
N PRO A 231 1.29 28.18 2.50
CA PRO A 231 1.08 29.19 1.47
C PRO A 231 2.26 30.16 1.28
N GLU A 232 3.10 30.29 2.29
CA GLU A 232 4.24 31.19 2.21
C GLU A 232 5.53 30.47 2.61
N PHE A 233 6.46 30.38 1.66
CA PHE A 233 7.74 29.72 1.87
C PHE A 233 8.76 30.75 2.40
N TYR A 234 9.33 30.48 3.58
CA TYR A 234 10.36 31.34 4.16
C TYR A 234 11.73 30.93 3.63
N GLU A 235 12.39 31.85 2.95
CA GLU A 235 13.73 31.63 2.43
C GLU A 235 14.45 32.98 2.43
N ASN A 236 15.63 33.01 3.06
CA ASN A 236 16.39 34.25 3.25
C ASN A 236 15.60 35.19 4.16
N GLY A 237 15.44 36.44 3.78
CA GLY A 237 14.54 37.33 4.51
C GLY A 237 13.24 37.55 3.75
N GLU A 238 12.81 36.55 3.00
CA GLU A 238 11.69 36.69 2.07
C GLU A 238 10.62 35.61 2.25
N SER A 239 9.40 35.97 1.88
CA SER A 239 8.25 35.08 1.90
C SER A 239 7.71 34.92 0.47
N THR A 240 7.81 33.71 -0.09
CA THR A 240 7.48 33.45 -1.51
C THR A 240 6.41 32.37 -1.70
N ASN A 241 5.95 32.20 -2.95
CA ASN A 241 5.03 31.09 -3.28
C ASN A 241 5.74 29.83 -3.78
N ARG A 242 7.03 29.70 -3.45
CA ARG A 242 7.72 28.46 -3.65
C ARG A 242 6.96 27.32 -2.94
N LYS A 243 6.95 26.16 -3.59
CA LYS A 243 6.18 25.04 -3.09
C LYS A 243 7.11 24.22 -2.21
N ASP A 244 6.80 24.18 -0.92
CA ASP A 244 7.57 23.41 0.06
C ASP A 244 7.47 21.91 -0.24
N VAL A 245 8.55 21.19 0.04
CA VAL A 245 8.53 19.73 -0.06
C VAL A 245 8.96 19.14 1.26
N PHE A 246 8.49 17.93 1.53
CA PHE A 246 8.78 17.24 2.77
C PHE A 246 9.87 16.21 2.55
N ASN A 247 10.35 15.61 3.63
CA ASN A 247 11.34 14.54 3.48
C ASN A 247 11.00 13.35 4.37
N ILE A 248 11.29 12.17 3.85
CA ILE A 248 11.23 10.93 4.62
C ILE A 248 12.47 10.12 4.23
N TYR A 249 13.21 9.67 5.23
CA TYR A 249 14.32 8.74 5.00
C TYR A 249 14.66 7.92 6.25
N ALA A 250 15.53 6.94 6.06
CA ALA A 250 15.98 6.08 7.14
C ALA A 250 17.45 5.75 6.92
N LEU A 251 18.16 5.57 8.03
CA LEU A 251 19.60 5.33 8.01
C LEU A 251 19.89 4.01 8.72
N PHE A 252 20.92 3.32 8.23
CA PHE A 252 21.47 2.14 8.90
C PHE A 252 22.98 2.27 8.83
N TYR A 253 23.64 2.31 9.99
CA TYR A 253 25.09 2.50 9.98
C TYR A 253 25.83 1.73 11.05
N GLU A 254 27.13 1.65 10.86
CA GLU A 254 28.02 0.92 11.75
C GLU A 254 28.63 1.93 12.72
N LYS A 255 28.51 1.66 14.01
CA LYS A 255 29.13 2.51 15.03
C LYS A 255 30.62 2.28 15.10
N THR A 256 31.36 3.32 15.49
CA THR A 256 32.77 3.20 15.89
C THR A 256 32.99 4.00 17.16
N LYS A 257 34.14 3.81 17.80
CA LYS A 257 34.39 4.42 19.12
C LYS A 257 34.05 5.91 19.15
N ASP A 258 34.54 6.66 18.16
CA ASP A 258 34.32 8.12 18.10
C ASP A 258 33.13 8.53 17.19
N VAL A 259 32.35 7.56 16.73
CA VAL A 259 31.14 7.83 15.93
C VAL A 259 29.99 6.97 16.46
N GLN A 260 29.28 7.50 17.44
CA GLN A 260 28.19 6.80 18.11
C GLN A 260 26.83 7.24 17.58
N MSE A 261 26.77 8.44 17.01
CA MSE A 261 25.54 8.99 16.44
C MSE A 261 25.88 9.80 15.18
O MSE A 261 26.97 10.34 15.06
CB MSE A 261 24.85 9.91 17.46
CG MSE A 261 24.41 9.22 18.75
SE MSE A 261 22.91 8.02 18.51
CE MSE A 261 21.44 9.34 18.38
N LEU A 262 24.94 9.83 14.24
CA LEU A 262 24.98 10.79 13.14
C LEU A 262 24.05 11.94 13.49
N ASP A 263 24.02 12.97 12.66
CA ASP A 263 23.16 14.12 12.89
C ASP A 263 22.60 14.69 11.56
N GLY A 264 22.08 15.92 11.62
CA GLY A 264 21.39 16.53 10.48
C GLY A 264 22.21 16.86 9.25
N HIS A 265 23.53 16.73 9.35
CA HIS A 265 24.42 16.97 8.21
C HIS A 265 24.30 15.88 7.16
N ILE A 266 23.86 14.69 7.58
CA ILE A 266 23.71 13.55 6.69
C ILE A 266 22.80 13.87 5.50
N ALA A 267 21.69 14.58 5.75
CA ALA A 267 20.76 14.93 4.68
C ALA A 267 21.26 16.09 3.81
N LYS A 268 22.32 16.78 4.23
CA LYS A 268 22.92 17.86 3.44
C LYS A 268 24.13 17.39 2.63
N ASN A 269 24.50 16.12 2.81
CA ASN A 269 25.67 15.54 2.17
C ASN A 269 25.36 14.29 1.37
N ASN A 270 24.26 14.34 0.62
CA ASN A 270 23.84 13.21 -0.23
C ASN A 270 23.70 11.88 0.55
N TYR A 271 23.48 11.96 1.87
CA TYR A 271 23.42 10.77 2.74
C TYR A 271 24.76 9.99 2.78
N GLU A 272 25.87 10.71 2.62
CA GLU A 272 27.24 10.13 2.65
C GLU A 272 27.90 10.31 4.01
N HIS A 273 28.54 9.23 4.48
CA HIS A 273 29.30 9.23 5.72
C HIS A 273 30.12 7.95 5.73
N GLU A 274 31.28 7.97 6.37
CA GLU A 274 32.17 6.80 6.34
C GLU A 274 31.60 5.61 7.14
N ASN A 275 30.66 5.88 8.05
CA ASN A 275 30.02 4.82 8.84
C ASN A 275 28.74 4.28 8.21
N MSE A 276 28.25 4.97 7.19
CA MSE A 276 27.00 4.62 6.52
C MSE A 276 27.03 3.26 5.82
O MSE A 276 27.97 2.94 5.11
CB MSE A 276 26.60 5.73 5.52
CG MSE A 276 25.82 6.90 6.14
SE MSE A 276 24.06 6.41 6.81
CE MSE A 276 23.38 5.51 5.21
N VAL A 277 25.98 2.47 6.03
CA VAL A 277 25.85 1.13 5.43
C VAL A 277 24.67 1.06 4.45
N ALA A 278 23.50 1.52 4.86
CA ALA A 278 22.35 1.62 3.96
C ALA A 278 21.47 2.84 4.26
N ALA A 279 20.78 3.30 3.22
CA ALA A 279 19.92 4.47 3.31
C ALA A 279 18.68 4.26 2.43
N ALA A 280 17.53 4.70 2.96
CA ALA A 280 16.27 4.66 2.25
C ALA A 280 15.73 6.09 2.17
N VAL A 281 15.56 6.60 0.95
CA VAL A 281 15.20 7.99 0.73
C VAL A 281 13.99 8.12 -0.19
N ILE A 282 12.97 8.86 0.24
CA ILE A 282 11.78 9.06 -0.59
C ILE A 282 12.10 9.95 -1.80
N THR A 283 11.49 9.64 -2.93
CA THR A 283 11.67 10.45 -4.13
C THR A 283 10.35 11.13 -4.54
N ASP A 284 9.25 10.37 -4.57
CA ASP A 284 7.94 10.95 -4.88
C ASP A 284 7.40 11.64 -3.63
N THR A 285 7.22 12.95 -3.72
CA THR A 285 6.95 13.80 -2.55
C THR A 285 5.72 14.72 -2.74
N HIS A 286 4.83 14.35 -3.67
CA HIS A 286 3.69 15.19 -4.08
C HIS A 286 2.66 15.46 -2.97
N GLU A 287 1.94 16.57 -3.12
CA GLU A 287 0.84 16.93 -2.20
C GLU A 287 -0.35 16.04 -2.41
N THR A 288 -1.04 15.73 -1.31
CA THR A 288 -2.27 14.95 -1.39
C THR A 288 -3.03 14.96 -0.07
N SER A 289 -4.35 14.94 -0.18
CA SER A 289 -5.23 14.83 0.99
CA SER A 289 -5.29 14.84 0.94
C SER A 289 -5.75 13.40 1.17
N GLU A 290 -5.29 12.47 0.34
CA GLU A 290 -5.59 11.04 0.44
C GLU A 290 -4.40 10.29 1.04
N TRP A 291 -4.66 9.39 1.99
CA TRP A 291 -3.62 8.48 2.46
C TRP A 291 -2.94 7.76 1.29
N THR A 292 -1.65 8.06 1.13
CA THR A 292 -0.83 7.56 0.03
C THR A 292 0.32 6.71 0.58
N ARG A 293 0.42 5.48 0.09
CA ARG A 293 1.47 4.56 0.50
C ARG A 293 2.84 4.94 -0.05
N PHE A 294 3.87 4.74 0.77
CA PHE A 294 5.25 4.81 0.32
C PHE A 294 5.97 3.51 0.67
N GLU A 295 6.99 3.18 -0.11
CA GLU A 295 7.75 1.95 0.08
C GLU A 295 9.18 2.20 -0.36
N LEU A 296 10.05 2.56 0.58
CA LEU A 296 11.44 2.93 0.28
C LEU A 296 12.36 1.76 0.57
N ASP A 297 13.02 1.24 -0.46
CA ASP A 297 13.98 0.13 -0.28
C ASP A 297 15.30 0.67 0.26
N PHE A 298 15.85 -0.03 1.25
CA PHE A 298 17.23 0.27 1.71
C PHE A 298 18.25 -0.08 0.63
N ASN A 299 19.11 0.88 0.34
CA ASN A 299 20.19 0.75 -0.63
C ASN A 299 21.51 0.44 0.09
N TYR A 300 21.88 -0.83 0.14
CA TYR A 300 23.19 -1.25 0.70
C TYR A 300 24.29 -1.21 -0.35
N GLU A 301 23.91 -1.42 -1.60
CA GLU A 301 24.86 -1.47 -2.73
C GLU A 301 25.59 -0.15 -2.97
N HIS A 302 24.94 0.98 -2.67
CA HIS A 302 25.57 2.29 -2.87
C HIS A 302 26.81 2.52 -2.00
N TYR A 303 26.82 1.92 -0.80
CA TYR A 303 27.89 2.14 0.19
C TYR A 303 28.98 1.06 0.20
N GLY A 304 28.64 -0.14 -0.26
CA GLY A 304 29.64 -1.19 -0.47
C GLY A 304 30.30 -1.66 0.82
N LYS A 305 29.49 -1.85 1.85
CA LYS A 305 29.96 -2.29 3.15
C LYS A 305 29.70 -3.78 3.32
N THR A 306 30.40 -4.37 4.29
CA THR A 306 30.27 -5.77 4.62
C THR A 306 29.75 -5.82 6.05
N ILE A 307 28.57 -6.38 6.26
CA ILE A 307 28.00 -6.45 7.61
C ILE A 307 28.72 -7.50 8.44
N ASP A 308 29.05 -7.14 9.69
CA ASP A 308 29.63 -8.06 10.66
C ASP A 308 28.48 -8.67 11.48
N PRO A 309 28.19 -9.97 11.28
CA PRO A 309 27.11 -10.64 12.01
C PRO A 309 27.30 -10.62 13.54
N GLN A 310 28.54 -10.73 13.99
CA GLN A 310 28.86 -10.65 15.42
C GLN A 310 28.56 -9.27 15.96
N LYS A 311 29.18 -8.25 15.36
CA LYS A 311 29.00 -6.85 15.78
C LYS A 311 27.53 -6.41 15.73
N LEU A 312 26.79 -6.91 14.73
CA LEU A 312 25.34 -6.66 14.62
C LEU A 312 24.58 -7.18 15.84
N ALA A 313 24.97 -8.36 16.31
CA ALA A 313 24.37 -8.99 17.49
C ALA A 313 24.83 -8.32 18.78
N ASN A 314 26.06 -7.79 18.78
CA ASN A 314 26.62 -7.09 19.94
C ASN A 314 26.12 -5.64 20.10
N GLY A 315 25.27 -5.18 19.17
CA GLY A 315 24.66 -3.85 19.27
C GLY A 315 25.51 -2.72 18.72
N GLY A 316 26.31 -3.01 17.69
CA GLY A 316 27.23 -2.04 17.11
C GLY A 316 26.73 -1.36 15.85
N TYR A 317 25.43 -1.51 15.57
CA TYR A 317 24.80 -0.88 14.42
C TYR A 317 23.58 -0.11 14.90
N ASN A 318 23.45 1.12 14.40
CA ASN A 318 22.30 1.95 14.72
C ASN A 318 21.40 2.10 13.49
N VAL A 319 20.10 2.21 13.74
CA VAL A 319 19.14 2.58 12.70
C VAL A 319 18.52 3.91 13.11
N SER A 320 17.97 4.61 12.12
CA SER A 320 17.17 5.78 12.36
C SER A 320 16.14 5.94 11.25
N ILE A 321 15.06 6.64 11.61
CA ILE A 321 14.02 7.04 10.70
C ILE A 321 13.86 8.54 10.95
N VAL A 322 13.87 9.33 9.88
CA VAL A 322 13.71 10.76 10.02
C VAL A 322 12.58 11.19 9.12
N LEU A 323 11.65 11.97 9.69
CA LEU A 323 10.49 12.47 8.97
C LEU A 323 10.42 14.00 9.14
N SER A 324 10.09 14.73 8.07
CA SER A 324 10.03 16.20 8.17
C SER A 324 9.00 16.80 7.21
N ALA A 325 8.20 17.74 7.70
CA ALA A 325 7.22 18.46 6.86
C ALA A 325 7.88 19.41 5.86
N SER A 326 9.10 19.84 6.15
CA SER A 326 9.85 20.74 5.25
C SER A 326 11.28 20.24 5.02
N LYS A 327 11.54 19.69 3.84
CA LYS A 327 12.85 19.12 3.51
C LYS A 327 14.01 19.99 3.99
N ASP A 328 13.94 21.29 3.68
CA ASP A 328 15.04 22.21 3.95
C ASP A 328 14.85 23.06 5.21
N GLY A 329 13.89 22.67 6.05
CA GLY A 329 13.60 23.38 7.29
C GLY A 329 14.72 23.29 8.30
N ASP A 330 15.65 22.37 8.09
CA ASP A 330 16.84 22.22 8.94
C ASP A 330 17.76 23.43 8.80
N VAL A 331 17.73 24.06 7.64
CA VAL A 331 18.42 25.33 7.40
C VAL A 331 17.40 26.48 7.16
N PHE A 332 16.21 26.33 7.75
CA PHE A 332 15.21 27.40 7.81
C PHE A 332 14.70 27.88 6.43
N GLN A 333 14.57 26.92 5.52
CA GLN A 333 13.89 27.11 4.26
C GLN A 333 12.64 26.23 4.25
N GLY A 334 11.49 26.85 4.47
CA GLY A 334 10.25 26.08 4.56
C GLY A 334 9.05 26.98 4.72
N ALA A 335 7.87 26.38 4.63
CA ALA A 335 6.61 27.11 4.74
C ALA A 335 5.94 26.83 6.08
N PRO A 336 5.74 27.87 6.90
CA PRO A 336 4.80 27.66 8.01
C PRO A 336 3.46 27.13 7.49
N GLY A 337 2.93 26.12 8.18
CA GLY A 337 1.65 25.52 7.82
C GLY A 337 1.81 24.23 7.02
N SER A 338 3.02 23.97 6.54
CA SER A 338 3.28 22.73 5.78
C SER A 338 3.00 21.56 6.69
N THR A 339 2.08 20.71 6.27
CA THR A 339 1.54 19.66 7.11
C THR A 339 1.80 18.29 6.49
N LEU A 340 2.60 17.48 7.18
CA LEU A 340 2.82 16.09 6.79
C LEU A 340 2.16 15.21 7.84
N LEU A 341 1.20 14.40 7.40
CA LEU A 341 0.59 13.41 8.27
C LEU A 341 1.19 12.06 7.91
N ILE A 342 1.53 11.28 8.92
CA ILE A 342 2.09 9.95 8.70
C ILE A 342 1.35 8.96 9.57
N ASP A 343 1.10 7.78 9.05
CA ASP A 343 0.47 6.72 9.83
C ASP A 343 0.98 5.35 9.41
N ASP A 344 0.78 4.37 10.29
CA ASP A 344 1.11 2.96 10.05
C ASP A 344 2.46 2.79 9.35
N LEU A 345 3.49 3.27 10.03
CA LEU A 345 4.86 3.18 9.57
C LEU A 345 5.47 1.86 10.05
N GLU A 346 6.17 1.17 9.16
CA GLU A 346 6.86 -0.08 9.53
C GLU A 346 8.25 -0.15 8.92
N LEU A 347 9.22 -0.50 9.76
CA LEU A 347 10.57 -0.84 9.32
C LEU A 347 10.59 -2.34 9.00
N VAL A 348 10.47 -2.69 7.73
CA VAL A 348 10.49 -4.11 7.31
C VAL A 348 11.93 -4.62 7.23
N CYS A 349 12.25 -5.63 8.05
CA CYS A 349 13.62 -6.10 8.18
C CYS A 349 13.83 -7.50 7.61
N LYS A 350 15.11 -7.88 7.51
CA LYS A 350 15.49 -9.20 7.00
C LYS A 350 15.24 -10.27 8.07
N PRO B 95 8.89 -20.89 -31.74
CA PRO B 95 8.28 -19.74 -31.09
C PRO B 95 8.59 -19.69 -29.60
N GLU B 96 9.36 -18.68 -29.18
CA GLU B 96 9.88 -18.62 -27.82
C GLU B 96 8.80 -18.28 -26.79
N THR B 97 9.13 -18.50 -25.52
CA THR B 97 8.20 -18.25 -24.41
C THR B 97 8.23 -16.78 -24.02
N LYS B 98 7.06 -16.15 -24.05
CA LYS B 98 6.89 -14.79 -23.56
C LYS B 98 5.83 -14.78 -22.45
N SER B 99 6.24 -14.32 -21.27
CA SER B 99 5.35 -14.25 -20.10
C SER B 99 4.29 -13.18 -20.29
N ILE B 100 3.12 -13.40 -19.68
CA ILE B 100 2.10 -12.34 -19.56
C ILE B 100 2.66 -11.22 -18.69
N PRO B 101 2.06 -10.03 -18.72
CA PRO B 101 2.45 -9.01 -17.74
C PRO B 101 2.09 -9.45 -16.32
N THR B 102 2.78 -8.90 -15.33
CA THR B 102 2.50 -9.17 -13.92
C THR B 102 1.97 -7.93 -13.18
N VAL B 103 1.84 -6.81 -13.90
CA VAL B 103 1.25 -5.58 -13.39
C VAL B 103 0.01 -5.31 -14.24
N PHE B 104 -1.12 -5.01 -13.58
CA PHE B 104 -2.39 -4.82 -14.30
C PHE B 104 -3.02 -3.46 -13.97
N ASN B 105 -3.39 -2.73 -15.03
CA ASN B 105 -3.78 -1.32 -14.90
C ASN B 105 -5.23 -1.06 -15.24
N PHE B 106 -5.88 -1.99 -15.94
CA PHE B 106 -7.28 -1.84 -16.31
C PHE B 106 -7.56 -0.55 -17.16
N GLU B 107 -6.64 -0.20 -18.06
CA GLU B 107 -6.78 1.00 -18.94
C GLU B 107 -7.44 0.68 -20.26
N ASN B 108 -7.32 -0.60 -20.68
CA ASN B 108 -7.56 -0.97 -22.06
C ASN B 108 -8.75 -1.91 -22.18
N VAL B 109 -9.58 -1.63 -23.17
CA VAL B 109 -10.71 -2.47 -23.49
C VAL B 109 -10.89 -2.50 -25.00
N LYS B 110 -11.55 -3.55 -25.47
CA LYS B 110 -12.09 -3.61 -26.83
C LYS B 110 -13.55 -4.01 -26.71
N THR B 111 -14.38 -3.49 -27.62
CA THR B 111 -15.83 -3.73 -27.61
C THR B 111 -16.19 -4.94 -28.48
N VAL B 112 -17.08 -5.80 -27.97
CA VAL B 112 -17.43 -7.08 -28.63
C VAL B 112 -18.96 -7.28 -28.67
N PRO B 113 -19.50 -7.66 -29.85
CA PRO B 113 -20.95 -7.87 -29.96
C PRO B 113 -21.39 -9.27 -29.58
N TYR B 114 -22.60 -9.40 -29.04
CA TYR B 114 -23.21 -10.72 -28.87
C TYR B 114 -24.68 -10.56 -28.49
N ASN B 115 -25.56 -11.22 -29.25
CA ASN B 115 -26.99 -11.24 -28.97
C ASN B 115 -27.53 -9.81 -28.98
N LYS B 116 -27.11 -9.06 -29.99
CA LYS B 116 -27.44 -7.65 -30.17
C LYS B 116 -27.07 -6.75 -28.98
N ASN B 117 -26.00 -7.11 -28.26
CA ASN B 117 -25.41 -6.26 -27.22
C ASN B 117 -23.94 -5.97 -27.55
N GLU B 118 -23.37 -4.96 -26.92
CA GLU B 118 -21.93 -4.72 -26.94
C GLU B 118 -21.36 -4.71 -25.51
N TYR B 119 -20.20 -5.34 -25.30
CA TYR B 119 -19.51 -5.29 -23.99
C TYR B 119 -18.00 -5.18 -24.09
N TYR B 120 -17.35 -4.89 -22.96
CA TYR B 120 -15.90 -4.78 -22.93
C TYR B 120 -15.18 -6.08 -22.59
N VAL B 121 -14.09 -6.34 -23.30
CA VAL B 121 -13.07 -7.30 -22.90
C VAL B 121 -11.83 -6.49 -22.53
N LEU B 122 -11.34 -6.64 -21.31
CA LEU B 122 -10.13 -5.95 -20.86
C LEU B 122 -8.88 -6.74 -21.25
N TYR B 123 -7.84 -6.01 -21.63
CA TYR B 123 -6.55 -6.62 -21.92
C TYR B 123 -5.38 -5.79 -21.40
N GLU B 124 -4.23 -6.43 -21.32
CA GLU B 124 -3.04 -5.79 -20.79
C GLU B 124 -1.86 -6.16 -21.69
N ALA B 125 -1.34 -5.16 -22.41
CA ALA B 125 -0.21 -5.33 -23.33
C ALA B 125 1.03 -4.57 -22.85
N ALA B 126 2.19 -5.20 -22.96
CA ALA B 126 3.45 -4.56 -22.63
C ALA B 126 4.56 -5.12 -23.53
N SER B 127 5.44 -4.24 -23.99
CA SER B 127 6.60 -4.61 -24.81
C SER B 127 7.40 -5.73 -24.14
N GLY B 128 7.60 -6.83 -24.86
CA GLY B 128 8.37 -7.96 -24.36
C GLY B 128 7.52 -9.06 -23.73
N TYR B 129 6.22 -8.83 -23.61
CA TYR B 129 5.31 -9.72 -22.91
C TYR B 129 4.21 -10.23 -23.83
N SER B 130 3.64 -11.38 -23.49
CA SER B 130 2.44 -11.88 -24.18
C SER B 130 1.22 -11.16 -23.63
N THR B 131 0.44 -10.56 -24.51
CA THR B 131 -0.72 -9.79 -24.08
C THR B 131 -1.70 -10.68 -23.29
N LEU B 132 -2.12 -10.19 -22.13
CA LEU B 132 -3.14 -10.87 -21.34
C LEU B 132 -4.49 -10.30 -21.71
N THR B 133 -5.38 -11.17 -22.17
CA THR B 133 -6.78 -10.86 -22.37
C THR B 133 -7.53 -11.43 -21.17
N TRP B 134 -8.17 -10.56 -20.39
CA TRP B 134 -8.95 -10.98 -19.24
C TRP B 134 -10.27 -11.62 -19.70
N SER B 135 -10.75 -12.60 -18.94
CA SER B 135 -12.10 -13.13 -19.13
C SER B 135 -13.07 -12.60 -18.07
N SER B 136 -14.36 -12.69 -18.38
CA SER B 136 -15.41 -12.40 -17.41
C SER B 136 -16.67 -13.12 -17.85
N GLY B 137 -17.75 -12.96 -17.08
CA GLY B 137 -19.03 -13.51 -17.46
C GLY B 137 -19.89 -12.60 -18.32
N ASN B 138 -19.30 -11.63 -19.02
CA ASN B 138 -20.09 -10.68 -19.81
C ASN B 138 -20.87 -11.35 -20.93
N GLN B 139 -20.23 -12.28 -21.63
CA GLN B 139 -20.89 -12.98 -22.74
C GLN B 139 -22.12 -13.72 -22.27
N GLY B 140 -22.08 -14.22 -21.03
CA GLY B 140 -23.23 -14.88 -20.40
C GLY B 140 -24.36 -13.91 -20.11
N PHE B 141 -24.02 -12.75 -19.59
CA PHE B 141 -25.00 -11.68 -19.31
C PHE B 141 -25.70 -11.24 -20.60
N ALA B 142 -24.95 -11.25 -21.69
CA ALA B 142 -25.43 -10.90 -23.02
C ALA B 142 -26.52 -11.84 -23.52
N LEU B 143 -26.50 -13.09 -23.04
CA LEU B 143 -27.60 -14.03 -23.33
C LEU B 143 -28.94 -13.61 -22.69
N THR B 144 -28.89 -12.87 -21.57
CA THR B 144 -30.06 -12.67 -20.70
C THR B 144 -30.94 -11.49 -21.08
N GLY B 145 -30.59 -10.76 -22.14
CA GLY B 145 -31.34 -9.59 -22.58
C GLY B 145 -30.72 -8.94 -23.82
N SER B 146 -31.41 -7.97 -24.41
CA SER B 146 -30.86 -7.22 -25.55
C SER B 146 -30.86 -5.71 -25.32
N GLY B 147 -30.06 -5.00 -26.12
CA GLY B 147 -29.95 -3.55 -26.01
C GLY B 147 -29.07 -3.07 -24.87
N TYR B 148 -28.08 -3.88 -24.50
CA TYR B 148 -27.09 -3.48 -23.50
C TYR B 148 -25.88 -2.82 -24.14
N THR B 149 -25.45 -1.70 -23.57
CA THR B 149 -24.20 -1.07 -23.97
C THR B 149 -23.14 -1.53 -22.95
N PRO B 150 -21.84 -1.25 -23.22
CA PRO B 150 -20.79 -1.77 -22.33
C PRO B 150 -20.92 -1.39 -20.84
N ASN B 151 -21.44 -0.20 -20.56
CA ASN B 151 -21.59 0.27 -19.19
C ASN B 151 -22.70 -0.43 -18.39
N ASP B 152 -23.61 -1.12 -19.08
CA ASP B 152 -24.68 -1.90 -18.42
C ASP B 152 -24.21 -3.28 -17.96
N PHE B 153 -23.04 -3.71 -18.40
CA PHE B 153 -22.57 -5.05 -18.10
C PHE B 153 -22.00 -5.17 -16.69
N PRO B 154 -21.95 -6.41 -16.15
CA PRO B 154 -21.37 -6.60 -14.83
C PRO B 154 -19.88 -6.23 -14.75
N THR B 155 -19.16 -6.47 -15.84
CA THR B 155 -17.74 -6.19 -15.92
C THR B 155 -17.40 -5.12 -16.96
N SER B 156 -16.95 -3.96 -16.47
CA SER B 156 -16.51 -2.85 -17.31
C SER B 156 -15.31 -2.13 -16.67
N ILE B 157 -14.97 -0.95 -17.21
CA ILE B 157 -13.98 -0.08 -16.58
C ILE B 157 -14.63 1.26 -16.23
N SER B 158 -13.97 2.00 -15.34
CA SER B 158 -14.41 3.32 -14.90
C SER B 158 -13.26 4.29 -15.11
N PRO B 159 -13.55 5.58 -15.38
CA PRO B 159 -12.48 6.59 -15.46
C PRO B 159 -12.01 7.13 -14.11
N ASN B 160 -12.72 6.80 -13.03
CA ASN B 160 -12.41 7.34 -11.70
C ASN B 160 -11.42 6.47 -10.94
N GLY B 161 -10.36 6.09 -11.62
CA GLY B 161 -9.39 5.15 -11.09
C GLY B 161 -8.40 5.82 -10.19
N ARG B 162 -7.52 5.01 -9.61
CA ARG B 162 -6.50 5.51 -8.71
C ARG B 162 -5.44 6.25 -9.52
N THR B 163 -4.90 5.57 -10.53
CA THR B 163 -3.94 6.20 -11.45
C THR B 163 -4.67 6.83 -12.67
N GLY B 164 -5.36 6.00 -13.47
CA GLY B 164 -6.16 6.47 -14.64
C GLY B 164 -7.56 5.84 -14.65
N ASN B 165 -7.80 4.90 -15.56
CA ASN B 165 -9.02 4.10 -15.53
C ASN B 165 -8.89 3.00 -14.47
N CYS B 166 -10.00 2.50 -13.94
CA CYS B 166 -9.95 1.31 -13.07
C CYS B 166 -10.95 0.24 -13.48
N LEU B 167 -10.77 -0.96 -12.95
CA LEU B 167 -11.76 -2.04 -13.11
C LEU B 167 -13.04 -1.66 -12.39
N GLN B 168 -14.18 -1.91 -13.02
CA GLN B 168 -15.50 -1.71 -12.40
C GLN B 168 -16.35 -3.00 -12.47
N LEU B 169 -16.50 -3.64 -11.32
CA LEU B 169 -17.37 -4.81 -11.19
C LEU B 169 -18.66 -4.44 -10.45
N ILE B 170 -19.78 -4.52 -11.16
CA ILE B 170 -21.08 -4.31 -10.56
C ILE B 170 -21.93 -5.56 -10.81
N THR B 171 -22.29 -6.25 -9.74
CA THR B 171 -23.25 -7.35 -9.83
C THR B 171 -24.58 -6.78 -10.37
N ARG B 172 -25.18 -7.47 -11.34
CA ARG B 172 -26.35 -6.99 -12.05
C ARG B 172 -27.55 -7.92 -11.91
N LYS B 173 -28.73 -7.34 -11.86
CA LYS B 173 -29.96 -8.07 -12.14
C LYS B 173 -29.92 -8.49 -13.63
N THR B 174 -30.27 -9.74 -13.92
CA THR B 174 -30.33 -10.20 -15.31
C THR B 174 -31.62 -9.76 -15.96
N GLY B 175 -31.61 -9.72 -17.30
CA GLY B 175 -32.78 -9.37 -18.10
C GLY B 175 -33.81 -10.47 -18.03
N SER B 176 -35.06 -10.13 -18.31
CA SER B 176 -36.23 -11.02 -18.11
C SER B 176 -35.97 -12.52 -18.15
N LEU B 177 -35.16 -12.96 -19.12
CA LEU B 177 -34.93 -14.39 -19.33
C LEU B 177 -34.03 -15.06 -18.27
N GLY B 178 -33.17 -14.28 -17.64
CA GLY B 178 -32.23 -14.81 -16.65
C GLY B 178 -32.90 -15.50 -15.48
N THR B 179 -33.86 -14.80 -14.87
CA THR B 179 -34.67 -15.38 -13.79
C THR B 179 -35.27 -16.72 -14.16
N LEU B 180 -35.91 -16.78 -15.32
CA LEU B 180 -36.64 -17.99 -15.77
C LEU B 180 -35.74 -19.20 -16.05
N VAL B 181 -34.45 -18.97 -16.30
CA VAL B 181 -33.49 -20.07 -16.46
C VAL B 181 -32.65 -20.26 -15.20
N GLY B 182 -33.10 -19.69 -14.08
CA GLY B 182 -32.40 -19.82 -12.80
C GLY B 182 -31.12 -19.02 -12.77
N MSE B 183 -31.13 -17.84 -13.40
CA MSE B 183 -29.97 -16.96 -13.46
C MSE B 183 -30.38 -15.53 -13.12
O MSE B 183 -30.18 -14.62 -13.94
CB MSE B 183 -29.35 -17.02 -14.84
CG MSE B 183 -29.03 -18.43 -15.27
SE MSE B 183 -28.27 -18.50 -17.02
CE MSE B 183 -26.58 -17.57 -16.65
N PRO B 184 -30.93 -15.32 -11.91
CA PRO B 184 -31.54 -14.05 -11.52
C PRO B 184 -30.55 -12.90 -11.40
N ILE B 185 -29.26 -13.20 -11.19
CA ILE B 185 -28.22 -12.18 -11.10
C ILE B 185 -26.95 -12.63 -11.82
N ALA B 186 -26.08 -11.66 -12.13
CA ALA B 186 -24.76 -11.96 -12.67
C ALA B 186 -23.67 -11.19 -11.87
N ALA B 187 -22.79 -11.94 -11.22
CA ALA B 187 -21.75 -11.33 -10.41
C ALA B 187 -20.80 -10.53 -11.29
N GLY B 188 -20.45 -9.32 -10.84
CA GLY B 188 -19.45 -8.53 -11.51
C GLY B 188 -18.13 -9.22 -11.24
N ASN B 189 -17.47 -9.70 -12.30
CA ASN B 189 -16.26 -10.49 -12.15
C ASN B 189 -15.17 -10.26 -13.22
N LEU B 190 -13.97 -10.70 -12.90
CA LEU B 190 -12.87 -10.68 -13.83
C LEU B 190 -11.94 -11.80 -13.44
N PHE B 191 -11.42 -12.52 -14.43
CA PHE B 191 -10.46 -13.58 -14.16
C PHE B 191 -9.57 -13.92 -15.35
N ILE B 192 -8.39 -14.45 -15.03
CA ILE B 192 -7.47 -15.00 -16.02
C ILE B 192 -7.93 -16.42 -16.38
N GLY B 193 -8.24 -16.64 -17.65
CA GLY B 193 -8.68 -17.95 -18.15
C GLY B 193 -9.58 -17.80 -19.34
N SER B 194 -10.78 -18.39 -19.28
CA SER B 194 -11.77 -18.25 -20.36
C SER B 194 -13.19 -18.55 -19.87
N PHE B 195 -14.18 -18.09 -20.64
CA PHE B 195 -15.59 -18.26 -20.32
C PHE B 195 -16.22 -19.10 -21.41
N ASP B 196 -16.76 -20.25 -21.02
CA ASP B 196 -17.44 -21.16 -21.94
C ASP B 196 -18.92 -20.81 -21.97
N ILE B 197 -19.36 -20.16 -23.04
CA ILE B 197 -20.74 -19.66 -23.16
C ILE B 197 -21.79 -20.79 -23.16
N GLY B 198 -21.43 -21.96 -23.67
CA GLY B 198 -22.31 -23.13 -23.69
C GLY B 198 -22.56 -23.78 -22.33
N SER B 199 -21.79 -23.42 -21.31
CA SER B 199 -22.08 -23.85 -19.94
C SER B 199 -22.71 -22.75 -19.08
N ALA B 200 -22.85 -21.54 -19.63
CA ALA B 200 -23.26 -20.36 -18.87
C ALA B 200 -24.64 -20.43 -18.24
N MSE B 201 -25.56 -21.18 -18.84
CA MSE B 201 -26.92 -21.30 -18.31
C MSE B 201 -27.17 -22.60 -17.54
O MSE B 201 -28.03 -22.64 -16.66
CB MSE B 201 -27.94 -21.20 -19.43
CG MSE B 201 -27.90 -19.89 -20.20
SE MSE B 201 -29.26 -19.97 -21.61
CE MSE B 201 -29.51 -18.04 -21.79
N SER B 202 -26.45 -23.66 -17.89
CA SER B 202 -26.64 -24.97 -17.25
C SER B 202 -25.68 -25.22 -16.09
N ASP B 203 -24.51 -24.58 -16.11
CA ASP B 203 -23.43 -24.86 -15.17
C ASP B 203 -22.52 -23.63 -15.01
N ALA B 204 -23.05 -22.62 -14.32
CA ALA B 204 -22.36 -21.34 -14.13
C ALA B 204 -20.93 -21.47 -13.58
N LEU B 205 -20.72 -22.40 -12.65
CA LEU B 205 -19.41 -22.65 -12.06
C LEU B 205 -18.41 -23.29 -13.05
N SER B 206 -18.90 -24.18 -13.92
CA SER B 206 -18.08 -24.78 -14.97
C SER B 206 -17.67 -23.77 -16.05
N ALA B 207 -18.55 -22.80 -16.31
CA ALA B 207 -18.32 -21.84 -17.38
C ALA B 207 -17.13 -20.89 -17.11
N THR B 208 -16.79 -20.66 -15.85
CA THR B 208 -15.63 -19.84 -15.48
C THR B 208 -14.36 -20.67 -15.40
N LYS B 209 -13.59 -20.71 -16.48
CA LYS B 209 -12.36 -21.49 -16.53
C LYS B 209 -11.22 -20.62 -16.00
N PHE B 210 -10.49 -21.12 -15.02
CA PHE B 210 -9.43 -20.33 -14.38
C PHE B 210 -8.05 -20.91 -14.74
N GLY B 211 -7.21 -20.09 -15.35
CA GLY B 211 -5.80 -20.43 -15.51
C GLY B 211 -5.18 -20.01 -16.83
N THR B 212 -3.95 -19.51 -16.76
CA THR B 212 -3.13 -19.32 -17.96
C THR B 212 -1.69 -19.69 -17.64
N THR B 213 -1.02 -20.28 -18.62
CA THR B 213 0.36 -20.71 -18.47
C THR B 213 1.22 -19.60 -17.91
N PHE B 214 2.01 -19.94 -16.88
CA PHE B 214 2.78 -18.97 -16.12
C PHE B 214 4.15 -19.55 -15.72
N TYR B 215 5.22 -18.82 -15.99
CA TYR B 215 6.59 -19.37 -15.85
C TYR B 215 7.29 -19.03 -14.53
N TYR B 216 6.61 -18.30 -13.65
CA TYR B 216 7.19 -17.89 -12.38
C TYR B 216 6.40 -18.45 -11.21
N GLU B 217 7.00 -18.40 -10.03
CA GLU B 217 6.32 -18.80 -8.80
C GLU B 217 5.90 -17.54 -8.07
N PRO B 218 4.57 -17.27 -8.01
CA PRO B 218 4.08 -16.04 -7.42
C PRO B 218 4.11 -16.09 -5.91
N ILE B 219 4.39 -14.95 -5.28
CA ILE B 219 4.46 -14.90 -3.82
C ILE B 219 3.43 -13.96 -3.19
N LYS B 220 3.06 -12.86 -3.86
CA LYS B 220 1.93 -12.06 -3.37
C LYS B 220 1.13 -11.34 -4.45
N LEU B 221 -0.13 -11.06 -4.11
CA LEU B 221 -1.04 -10.28 -4.95
C LEU B 221 -1.37 -9.01 -4.21
N VAL B 222 -1.04 -7.87 -4.80
CA VAL B 222 -1.28 -6.58 -4.19
C VAL B 222 -2.08 -5.73 -5.16
N GLY B 223 -2.87 -4.83 -4.59
CA GLY B 223 -3.70 -3.92 -5.38
C GLY B 223 -4.49 -3.03 -4.46
N TYR B 224 -5.34 -2.20 -5.04
CA TYR B 224 -6.21 -1.31 -4.28
C TYR B 224 -7.65 -1.54 -4.70
N TYR B 225 -8.57 -1.49 -3.72
CA TYR B 225 -10.01 -1.65 -3.99
C TYR B 225 -10.89 -0.56 -3.33
N LYS B 226 -12.12 -0.50 -3.83
CA LYS B 226 -13.22 0.20 -3.18
C LYS B 226 -14.41 -0.75 -3.27
N TYR B 227 -15.22 -0.81 -2.23
CA TYR B 227 -16.38 -1.70 -2.21
C TYR B 227 -17.58 -1.07 -1.51
N LYS B 228 -18.73 -1.15 -2.19
CA LYS B 228 -20.02 -0.77 -1.64
C LYS B 228 -20.97 -1.91 -1.98
N ALA B 229 -21.61 -2.48 -0.97
CA ALA B 229 -22.61 -3.52 -1.18
C ALA B 229 -23.89 -2.91 -1.77
N GLY B 230 -24.62 -3.73 -2.54
CA GLY B 230 -25.91 -3.31 -3.09
C GLY B 230 -26.99 -3.38 -2.01
N PRO B 231 -28.11 -2.64 -2.22
CA PRO B 231 -29.13 -2.48 -1.17
C PRO B 231 -29.96 -3.74 -0.92
N GLU B 232 -30.11 -4.57 -1.95
CA GLU B 232 -30.95 -5.79 -1.85
C GLU B 232 -30.18 -7.06 -2.23
N PHE B 233 -29.90 -7.89 -1.23
CA PHE B 233 -29.27 -9.19 -1.46
C PHE B 233 -30.31 -10.19 -2.02
N TYR B 234 -30.01 -10.80 -3.17
CA TYR B 234 -30.88 -11.83 -3.75
C TYR B 234 -30.43 -13.20 -3.22
N GLU B 235 -31.30 -13.89 -2.50
CA GLU B 235 -30.99 -15.22 -1.99
C GLU B 235 -32.26 -16.05 -1.98
N ASN B 236 -32.17 -17.25 -2.53
CA ASN B 236 -33.34 -18.06 -2.81
C ASN B 236 -34.19 -17.20 -3.75
N GLY B 237 -35.50 -17.10 -3.53
CA GLY B 237 -36.33 -16.16 -4.29
C GLY B 237 -36.73 -14.95 -3.46
N GLU B 238 -35.84 -14.51 -2.57
CA GLU B 238 -36.12 -13.40 -1.66
C GLU B 238 -35.10 -12.26 -1.80
N SER B 239 -35.55 -11.04 -1.52
CA SER B 239 -34.68 -9.85 -1.47
C SER B 239 -34.49 -9.35 -0.03
N THR B 240 -33.29 -9.53 0.53
CA THR B 240 -33.03 -9.22 1.95
C THR B 240 -32.07 -8.05 2.14
N ASN B 241 -31.83 -7.66 3.38
CA ASN B 241 -30.83 -6.62 3.68
C ASN B 241 -29.49 -7.19 4.16
N ARG B 242 -29.27 -8.49 3.91
CA ARG B 242 -27.95 -9.09 4.06
C ARG B 242 -26.91 -8.24 3.33
N LYS B 243 -25.78 -8.02 3.99
CA LYS B 243 -24.66 -7.30 3.42
C LYS B 243 -23.91 -8.27 2.50
N ASP B 244 -23.75 -7.87 1.24
CA ASP B 244 -22.99 -8.65 0.27
C ASP B 244 -21.48 -8.54 0.54
N VAL B 245 -20.73 -9.58 0.20
CA VAL B 245 -19.27 -9.53 0.34
C VAL B 245 -18.65 -9.89 -1.00
N PHE B 246 -17.57 -9.22 -1.34
CA PHE B 246 -16.82 -9.47 -2.55
C PHE B 246 -15.79 -10.55 -2.29
N ASN B 247 -15.14 -11.03 -3.35
CA ASN B 247 -14.05 -11.97 -3.19
C ASN B 247 -12.89 -11.62 -4.11
N ILE B 248 -11.67 -11.84 -3.63
CA ILE B 248 -10.43 -11.67 -4.40
C ILE B 248 -9.52 -12.83 -4.04
N TYR B 249 -9.05 -13.55 -5.06
CA TYR B 249 -8.11 -14.65 -4.84
C TYR B 249 -7.31 -14.97 -6.09
N ALA B 250 -6.27 -15.78 -5.90
CA ALA B 250 -5.37 -16.16 -6.97
C ALA B 250 -4.95 -17.60 -6.75
N LEU B 251 -4.68 -18.28 -7.85
CA LEU B 251 -4.38 -19.70 -7.83
C LEU B 251 -3.05 -19.92 -8.53
N PHE B 252 -2.37 -20.99 -8.13
CA PHE B 252 -1.15 -21.41 -8.78
C PHE B 252 -1.15 -22.93 -8.69
N TYR B 253 -1.24 -23.60 -9.85
CA TYR B 253 -1.40 -25.05 -9.84
C TYR B 253 -0.63 -25.77 -10.95
N GLU B 254 -0.29 -27.01 -10.65
CA GLU B 254 0.44 -27.88 -11.53
C GLU B 254 -0.54 -28.56 -12.49
N LYS B 255 -0.35 -28.35 -13.79
CA LYS B 255 -1.17 -28.99 -14.81
C LYS B 255 -0.77 -30.45 -14.97
N THR B 256 -1.73 -31.28 -15.37
CA THR B 256 -1.45 -32.65 -15.82
C THR B 256 -2.31 -32.91 -17.06
N LYS B 257 -2.09 -34.06 -17.70
CA LYS B 257 -2.83 -34.41 -18.93
C LYS B 257 -4.34 -34.25 -18.78
N ASP B 258 -4.90 -34.73 -17.68
CA ASP B 258 -6.34 -34.67 -17.45
C ASP B 258 -6.81 -33.40 -16.73
N VAL B 259 -5.90 -32.49 -16.41
CA VAL B 259 -6.24 -31.22 -15.73
C VAL B 259 -5.52 -30.04 -16.37
N GLN B 260 -6.14 -29.51 -17.43
CA GLN B 260 -5.58 -28.38 -18.17
C GLN B 260 -6.06 -27.02 -17.64
N MSE B 261 -7.15 -27.05 -16.88
CA MSE B 261 -7.79 -25.85 -16.34
C MSE B 261 -8.58 -26.22 -15.09
O MSE B 261 -9.03 -27.34 -14.94
CB MSE B 261 -8.76 -25.25 -17.38
CG MSE B 261 -8.11 -24.69 -18.66
SE MSE B 261 -6.93 -23.17 -18.30
CE MSE B 261 -8.31 -21.82 -17.91
N LEU B 262 -8.72 -25.25 -14.17
CA LEU B 262 -9.66 -25.37 -13.05
C LEU B 262 -10.90 -24.53 -13.35
N ASP B 263 -11.88 -24.56 -12.45
CA ASP B 263 -13.11 -23.78 -12.66
C ASP B 263 -13.74 -23.26 -11.35
N GLY B 264 -14.94 -22.71 -11.45
CA GLY B 264 -15.65 -22.11 -10.32
C GLY B 264 -15.82 -22.95 -9.07
N HIS B 265 -15.74 -24.28 -9.20
CA HIS B 265 -15.86 -25.18 -8.06
C HIS B 265 -14.73 -25.05 -7.06
N ILE B 266 -13.58 -24.56 -7.49
CA ILE B 266 -12.43 -24.45 -6.59
C ILE B 266 -12.75 -23.59 -5.36
N ALA B 267 -13.52 -22.54 -5.57
CA ALA B 267 -13.95 -21.63 -4.49
C ALA B 267 -15.03 -22.23 -3.58
N LYS B 268 -15.75 -23.24 -4.06
CA LYS B 268 -16.71 -23.97 -3.21
C LYS B 268 -16.04 -25.08 -2.40
N ASN B 269 -14.88 -25.54 -2.86
CA ASN B 269 -14.10 -26.57 -2.19
C ASN B 269 -12.96 -25.99 -1.32
N ASN B 270 -13.12 -24.75 -0.89
CA ASN B 270 -12.15 -24.05 -0.03
C ASN B 270 -10.73 -23.91 -0.63
N TYR B 271 -10.66 -23.86 -1.96
CA TYR B 271 -9.39 -23.73 -2.69
C TYR B 271 -8.51 -25.00 -2.61
N GLU B 272 -9.13 -26.12 -2.22
CA GLU B 272 -8.50 -27.44 -2.26
C GLU B 272 -8.74 -28.09 -3.60
N HIS B 273 -7.65 -28.56 -4.22
CA HIS B 273 -7.68 -29.42 -5.41
C HIS B 273 -6.33 -30.16 -5.42
N GLU B 274 -6.30 -31.36 -6.00
CA GLU B 274 -5.09 -32.18 -5.97
C GLU B 274 -3.91 -31.55 -6.74
N ASN B 275 -4.21 -30.65 -7.68
CA ASN B 275 -3.18 -30.00 -8.49
C ASN B 275 -2.69 -28.65 -7.94
N MSE B 276 -3.41 -28.09 -6.98
CA MSE B 276 -3.06 -26.79 -6.38
C MSE B 276 -1.67 -26.75 -5.75
O MSE B 276 -1.30 -27.62 -4.96
CB MSE B 276 -4.10 -26.40 -5.32
CG MSE B 276 -5.39 -25.81 -5.87
SE MSE B 276 -5.11 -24.05 -6.71
CE MSE B 276 -4.31 -23.14 -5.20
N VAL B 277 -0.90 -25.71 -6.09
CA VAL B 277 0.42 -25.50 -5.52
C VAL B 277 0.38 -24.33 -4.52
N ALA B 278 -0.13 -23.19 -4.95
CA ALA B 278 -0.26 -22.04 -4.06
C ALA B 278 -1.55 -21.25 -4.32
N ALA B 279 -2.08 -20.63 -3.27
CA ALA B 279 -3.28 -19.81 -3.37
C ALA B 279 -3.21 -18.60 -2.42
N ALA B 280 -3.64 -17.47 -2.93
CA ALA B 280 -3.78 -16.24 -2.14
C ALA B 280 -5.27 -15.93 -2.08
N VAL B 281 -5.76 -15.67 -0.87
CA VAL B 281 -7.19 -15.48 -0.62
C VAL B 281 -7.38 -14.35 0.40
N ILE B 282 -8.20 -13.36 0.06
CA ILE B 282 -8.48 -12.23 0.94
C ILE B 282 -9.40 -12.63 2.08
N THR B 283 -9.18 -12.02 3.25
CA THR B 283 -10.05 -12.24 4.42
C THR B 283 -10.76 -10.95 4.81
N ASP B 284 -10.06 -9.83 4.85
CA ASP B 284 -10.67 -8.52 5.13
C ASP B 284 -11.34 -7.99 3.85
N THR B 285 -12.66 -7.86 3.89
CA THR B 285 -13.44 -7.41 2.73
C THR B 285 -14.42 -6.30 3.13
N HIS B 286 -14.05 -5.49 4.12
CA HIS B 286 -14.90 -4.38 4.56
C HIS B 286 -15.23 -3.40 3.43
N GLU B 287 -16.40 -2.75 3.54
CA GLU B 287 -16.80 -1.68 2.63
C GLU B 287 -15.97 -0.42 2.79
N THR B 288 -15.67 0.24 1.68
CA THR B 288 -14.94 1.50 1.73
C THR B 288 -15.08 2.24 0.40
N SER B 289 -15.08 3.56 0.49
CA SER B 289 -15.02 4.47 -0.65
C SER B 289 -13.65 5.12 -0.81
N GLU B 290 -12.69 4.67 0.00
CA GLU B 290 -11.30 5.08 -0.11
C GLU B 290 -10.53 3.95 -0.77
N TRP B 291 -9.64 4.27 -1.70
CA TRP B 291 -8.72 3.29 -2.23
C TRP B 291 -7.95 2.63 -1.08
N THR B 292 -8.13 1.33 -0.95
CA THR B 292 -7.62 0.56 0.17
C THR B 292 -6.73 -0.58 -0.34
N ARG B 293 -5.52 -0.63 0.17
CA ARG B 293 -4.53 -1.59 -0.27
C ARG B 293 -4.84 -2.99 0.24
N PHE B 294 -4.61 -3.99 -0.59
CA PHE B 294 -4.60 -5.39 -0.14
C PHE B 294 -3.27 -6.03 -0.51
N GLU B 295 -2.84 -7.00 0.30
CA GLU B 295 -1.55 -7.66 0.15
C GLU B 295 -1.77 -9.12 0.58
N LEU B 296 -1.94 -10.00 -0.39
CA LEU B 296 -2.34 -11.38 -0.13
C LEU B 296 -1.18 -12.30 -0.50
N ASP B 297 -0.59 -12.93 0.51
CA ASP B 297 0.52 -13.85 0.32
C ASP B 297 0.05 -15.19 -0.21
N PHE B 298 0.72 -15.69 -1.25
CA PHE B 298 0.51 -17.08 -1.71
C PHE B 298 0.97 -18.06 -0.62
N ASN B 299 0.11 -19.04 -0.32
CA ASN B 299 0.37 -20.03 0.71
C ASN B 299 0.70 -21.37 0.05
N TYR B 300 2.00 -21.65 -0.08
CA TYR B 300 2.49 -22.92 -0.60
C TYR B 300 2.51 -24.01 0.49
N GLU B 301 2.61 -23.57 1.76
CA GLU B 301 2.83 -24.49 2.88
C GLU B 301 1.63 -25.41 3.13
N HIS B 302 0.43 -24.87 2.92
CA HIS B 302 -0.82 -25.63 3.06
C HIS B 302 -0.87 -26.85 2.14
N TYR B 303 -0.40 -26.69 0.90
CA TYR B 303 -0.53 -27.70 -0.14
C TYR B 303 0.63 -28.69 -0.15
N GLY B 304 1.80 -28.25 0.31
CA GLY B 304 2.95 -29.12 0.50
C GLY B 304 3.47 -29.77 -0.77
N LYS B 305 3.54 -28.98 -1.84
CA LYS B 305 3.95 -29.47 -3.14
C LYS B 305 5.45 -29.19 -3.37
N THR B 306 6.07 -30.01 -4.19
CA THR B 306 7.43 -29.77 -4.65
C THR B 306 7.31 -29.29 -6.10
N ILE B 307 7.88 -28.13 -6.40
CA ILE B 307 7.79 -27.57 -7.75
C ILE B 307 8.91 -28.11 -8.65
N ASP B 308 8.52 -28.60 -9.82
CA ASP B 308 9.47 -29.10 -10.82
C ASP B 308 10.00 -27.91 -11.63
N PRO B 309 11.30 -27.57 -11.47
CA PRO B 309 11.87 -26.42 -12.21
C PRO B 309 11.74 -26.54 -13.73
N GLN B 310 11.90 -27.75 -14.25
CA GLN B 310 11.83 -28.02 -15.69
C GLN B 310 10.42 -27.84 -16.24
N LYS B 311 9.44 -28.37 -15.51
CA LYS B 311 8.04 -28.28 -15.91
C LYS B 311 7.57 -26.82 -15.88
N LEU B 312 8.14 -26.03 -14.96
CA LEU B 312 7.85 -24.60 -14.86
C LEU B 312 8.35 -23.82 -16.07
N ALA B 313 9.50 -24.22 -16.59
CA ALA B 313 10.06 -23.60 -17.81
C ALA B 313 9.31 -24.09 -19.06
N ASN B 314 8.87 -25.34 -19.03
CA ASN B 314 8.12 -25.94 -20.15
C ASN B 314 6.65 -25.55 -20.23
N GLY B 315 6.18 -24.77 -19.27
CA GLY B 315 4.81 -24.23 -19.30
C GLY B 315 3.75 -25.20 -18.79
N GLY B 316 4.12 -25.99 -17.77
CA GLY B 316 3.19 -26.97 -17.17
C GLY B 316 2.55 -26.49 -15.88
N TYR B 317 2.65 -25.19 -15.61
CA TYR B 317 2.06 -24.55 -14.43
C TYR B 317 1.19 -23.37 -14.84
N ASN B 318 0.03 -23.26 -14.22
CA ASN B 318 -0.94 -22.20 -14.53
C ASN B 318 -1.10 -21.31 -13.32
N VAL B 319 -1.27 -20.01 -13.57
CA VAL B 319 -1.69 -19.07 -12.54
C VAL B 319 -3.08 -18.56 -12.92
N SER B 320 -3.81 -18.08 -11.93
CA SER B 320 -5.00 -17.31 -12.19
C SER B 320 -5.21 -16.27 -11.09
N ILE B 321 -5.96 -15.24 -11.45
CA ILE B 321 -6.45 -14.21 -10.54
C ILE B 321 -7.95 -14.13 -10.77
N VAL B 322 -8.72 -14.15 -9.68
CA VAL B 322 -10.16 -14.18 -9.75
C VAL B 322 -10.68 -13.05 -8.85
N LEU B 323 -11.41 -12.10 -9.45
CA LEU B 323 -11.99 -10.97 -8.73
C LEU B 323 -13.50 -11.04 -8.88
N SER B 324 -14.24 -10.78 -7.80
CA SER B 324 -15.71 -10.74 -7.85
C SER B 324 -16.37 -9.79 -6.86
N ALA B 325 -17.34 -9.01 -7.34
CA ALA B 325 -18.17 -8.10 -6.52
C ALA B 325 -19.09 -8.81 -5.52
N SER B 326 -19.49 -10.04 -5.86
CA SER B 326 -20.36 -10.82 -5.01
C SER B 326 -19.78 -12.21 -4.82
N LYS B 327 -19.15 -12.42 -3.66
CA LYS B 327 -18.49 -13.66 -3.35
C LYS B 327 -19.28 -14.89 -3.79
N ASP B 328 -20.57 -14.91 -3.46
CA ASP B 328 -21.41 -16.07 -3.74
C ASP B 328 -22.32 -15.86 -4.95
N GLY B 329 -22.03 -14.82 -5.73
CA GLY B 329 -22.77 -14.52 -6.96
C GLY B 329 -22.75 -15.69 -7.92
N ASP B 330 -21.67 -16.49 -7.87
CA ASP B 330 -21.50 -17.66 -8.71
C ASP B 330 -22.60 -18.72 -8.53
N VAL B 331 -23.27 -18.74 -7.38
CA VAL B 331 -24.53 -19.50 -7.18
C VAL B 331 -25.71 -18.52 -6.97
N PHE B 332 -25.61 -17.35 -7.58
CA PHE B 332 -26.71 -16.39 -7.69
C PHE B 332 -27.19 -15.86 -6.35
N GLN B 333 -26.27 -15.77 -5.39
CA GLN B 333 -26.56 -15.18 -4.11
C GLN B 333 -25.70 -13.91 -3.95
N GLY B 334 -26.34 -12.74 -4.06
CA GLY B 334 -25.64 -11.47 -4.14
C GLY B 334 -26.61 -10.32 -4.36
N ALA B 335 -26.08 -9.10 -4.33
CA ALA B 335 -26.87 -7.89 -4.44
C ALA B 335 -26.62 -7.15 -5.75
N PRO B 336 -27.64 -7.01 -6.61
CA PRO B 336 -27.50 -6.00 -7.66
C PRO B 336 -26.99 -4.66 -7.12
N GLY B 337 -25.96 -4.12 -7.77
CA GLY B 337 -25.40 -2.83 -7.41
C GLY B 337 -24.14 -2.95 -6.58
N SER B 338 -23.84 -4.13 -6.07
CA SER B 338 -22.58 -4.34 -5.35
C SER B 338 -21.44 -3.97 -6.29
N THR B 339 -20.64 -3.00 -5.87
CA THR B 339 -19.62 -2.41 -6.72
C THR B 339 -18.23 -2.63 -6.13
N LEU B 340 -17.40 -3.40 -6.83
CA LEU B 340 -16.00 -3.57 -6.49
C LEU B 340 -15.16 -2.87 -7.55
N LEU B 341 -14.36 -1.91 -7.12
CA LEU B 341 -13.44 -1.23 -8.02
C LEU B 341 -12.07 -1.71 -7.68
N ILE B 342 -11.27 -1.99 -8.69
CA ILE B 342 -9.92 -2.47 -8.50
C ILE B 342 -9.00 -1.64 -9.35
N ASP B 343 -7.83 -1.32 -8.80
CA ASP B 343 -6.81 -0.68 -9.59
C ASP B 343 -5.42 -1.12 -9.16
N ASP B 344 -4.46 -0.91 -10.07
CA ASP B 344 -3.04 -1.10 -9.81
C ASP B 344 -2.78 -2.44 -9.12
N LEU B 345 -3.27 -3.49 -9.78
CA LEU B 345 -3.08 -4.86 -9.32
C LEU B 345 -1.69 -5.37 -9.78
N GLU B 346 -0.94 -5.97 -8.86
CA GLU B 346 0.32 -6.63 -9.21
C GLU B 346 0.41 -8.03 -8.62
N LEU B 347 0.90 -8.96 -9.44
CA LEU B 347 1.23 -10.29 -9.02
C LEU B 347 2.74 -10.34 -8.83
N VAL B 348 3.18 -10.17 -7.59
CA VAL B 348 4.61 -10.10 -7.26
C VAL B 348 5.22 -11.51 -7.23
N CYS B 349 6.29 -11.69 -8.00
CA CYS B 349 6.88 -13.01 -8.22
C CYS B 349 8.27 -13.16 -7.62
N LYS B 350 8.68 -14.41 -7.45
CA LYS B 350 10.01 -14.75 -6.96
C LYS B 350 11.06 -14.48 -8.05
NA NA C . -2.09 5.18 13.99
NA NA D . -5.52 1.95 -13.75
#